data_2J23
#
_entry.id   2J23
#
_cell.length_a   37.496
_cell.length_b   51.986
_cell.length_c   53.023
_cell.angle_alpha   90.00
_cell.angle_beta   99.49
_cell.angle_gamma   90.00
#
_symmetry.space_group_name_H-M   'P 1 21 1'
#
loop_
_entity.id
_entity.type
_entity.pdbx_description
1 polymer THIOREDOXIN
2 water water
#
_entity_poly.entity_id   1
_entity_poly.type   'polypeptide(L)'
_entity_poly.pdbx_seq_one_letter_code
;MRGSHHHHHHLVPRGSVQVISSYDQFKQVTGGDKVVVIDFWATWCGPCKMIGPVFEKISDTPAGDKVGFYKVDVDEQSQI
AQEVGIRAMPTFVFFKNGQKIDTVVGADPSKLQAAITQHSA
;
_entity_poly.pdbx_strand_id   A,B
#
# COMPACT_ATOMS: atom_id res chain seq x y z
N HIS A 7 29.08 -1.43 8.90
CA HIS A 7 30.33 -0.61 8.90
C HIS A 7 30.65 0.02 7.55
N HIS A 8 29.90 -0.39 6.52
CA HIS A 8 30.16 0.08 5.15
C HIS A 8 29.13 1.09 4.71
N HIS A 9 27.84 0.72 4.81
CA HIS A 9 26.76 1.66 4.48
C HIS A 9 25.44 1.21 5.08
N HIS A 10 24.51 2.15 5.20
CA HIS A 10 23.15 1.85 5.60
C HIS A 10 22.33 1.87 4.34
N LEU A 11 21.31 1.03 4.27
CA LEU A 11 20.49 1.02 3.12
C LEU A 11 19.51 2.24 3.12
N VAL A 12 19.25 2.76 1.95
CA VAL A 12 18.28 3.80 1.74
C VAL A 12 17.21 3.17 0.82
N PRO A 13 16.15 2.65 1.39
CA PRO A 13 15.13 2.03 0.54
C PRO A 13 14.54 3.02 -0.50
N ARG A 14 14.43 2.57 -1.75
CA ARG A 14 13.83 3.37 -2.84
C ARG A 14 12.58 2.70 -3.46
N GLY A 15 12.24 1.52 -2.98
CA GLY A 15 11.09 0.77 -3.50
C GLY A 15 9.77 1.45 -3.22
N SER A 16 8.81 1.12 -4.03
CA SER A 16 7.50 1.68 -3.95
C SER A 16 6.49 0.60 -4.23
N VAL A 17 5.77 0.08 -3.20
CA VAL A 17 4.59 -0.79 -3.50
C VAL A 17 3.42 0.13 -3.22
N GLN A 18 2.67 0.40 -4.27
CA GLN A 18 1.55 1.31 -4.19
C GLN A 18 0.20 0.60 -4.26
N VAL A 19 -0.72 1.10 -3.46
CA VAL A 19 -2.08 0.61 -3.49
C VAL A 19 -2.80 1.19 -4.70
N ILE A 20 -3.53 0.32 -5.43
CA ILE A 20 -4.42 0.75 -6.50
C ILE A 20 -5.81 0.78 -5.87
N SER A 21 -6.41 1.97 -5.81
CA SER A 21 -7.66 2.12 -5.08
C SER A 21 -8.89 2.40 -5.93
N SER A 22 -8.72 2.41 -7.24
CA SER A 22 -9.84 2.61 -8.14
C SER A 22 -9.57 1.99 -9.49
N TYR A 23 -10.65 1.73 -10.22
CA TYR A 23 -10.55 1.20 -11.57
C TYR A 23 -9.81 2.18 -12.51
N ASP A 24 -10.08 3.50 -12.43
CA ASP A 24 -9.33 4.49 -13.25
C ASP A 24 -7.84 4.42 -13.01
N GLN A 25 -7.44 4.31 -11.74
CA GLN A 25 -6.03 4.24 -11.43
C GLN A 25 -5.45 2.97 -12.06
N PHE A 26 -6.19 1.86 -11.95
CA PHE A 26 -5.78 0.59 -12.54
C PHE A 26 -5.50 0.76 -14.04
N LYS A 27 -6.43 1.40 -14.74
CA LYS A 27 -6.24 1.63 -16.19
C LYS A 27 -5.05 2.51 -16.49
N GLN A 28 -4.84 3.53 -15.68
CA GLN A 28 -3.72 4.44 -15.89
C GLN A 28 -2.39 3.71 -15.68
N VAL A 29 -2.24 3.01 -14.56
CA VAL A 29 -0.93 2.41 -14.30
C VAL A 29 -0.61 1.22 -15.23
N THR A 30 -1.63 0.47 -15.67
CA THR A 30 -1.39 -0.68 -16.57
C THR A 30 -1.39 -0.32 -18.06
N GLY A 31 -1.60 0.96 -18.37
CA GLY A 31 -1.80 1.36 -19.74
C GLY A 31 -0.62 1.69 -20.58
N GLY A 32 0.55 1.87 -19.99
CA GLY A 32 1.74 2.29 -20.75
C GLY A 32 2.79 1.26 -21.05
N ASP A 33 3.88 1.74 -21.67
CA ASP A 33 4.98 0.89 -22.06
C ASP A 33 5.74 0.29 -20.84
N LYS A 34 5.72 1.00 -19.72
CA LYS A 34 6.36 0.52 -18.51
C LYS A 34 5.58 -0.68 -17.98
N VAL A 35 6.26 -1.78 -17.78
CA VAL A 35 5.65 -2.98 -17.23
C VAL A 35 5.31 -2.75 -15.76
N VAL A 36 4.14 -3.21 -15.36
CA VAL A 36 3.77 -3.18 -13.95
C VAL A 36 3.33 -4.55 -13.49
N VAL A 37 3.53 -4.80 -12.20
CA VAL A 37 3.12 -6.05 -11.58
C VAL A 37 2.22 -5.74 -10.41
N ILE A 38 1.08 -6.44 -10.36
CA ILE A 38 0.07 -6.23 -9.31
C ILE A 38 -0.13 -7.50 -8.51
N ASP A 39 0.00 -7.36 -7.19
CA ASP A 39 -0.30 -8.40 -6.24
C ASP A 39 -1.80 -8.30 -5.89
N PHE A 40 -2.58 -9.30 -6.35
CA PHE A 40 -4.01 -9.42 -6.03
C PHE A 40 -4.12 -10.26 -4.76
N TRP A 41 -4.65 -9.65 -3.69
CA TRP A 41 -4.64 -10.20 -2.36
C TRP A 41 -5.96 -9.91 -1.68
N ALA A 42 -6.12 -10.49 -0.49
CA ALA A 42 -7.31 -10.21 0.35
C ALA A 42 -6.96 -10.45 1.80
N THR A 43 -7.71 -9.84 2.70
CA THR A 43 -7.43 -9.99 4.13
C THR A 43 -7.61 -11.40 4.63
N TRP A 44 -8.45 -12.17 3.96
CA TRP A 44 -8.74 -13.56 4.38
C TRP A 44 -7.80 -14.59 3.76
N CYS A 45 -6.84 -14.12 2.99
CA CYS A 45 -5.89 -14.97 2.32
C CYS A 45 -4.66 -15.25 3.19
N GLY A 46 -4.44 -16.52 3.52
CA GLY A 46 -3.30 -16.90 4.36
C GLY A 46 -1.97 -16.80 3.65
N PRO A 47 -1.81 -17.47 2.52
CA PRO A 47 -0.54 -17.45 1.79
C PRO A 47 -0.10 -16.04 1.37
N CYS A 48 -1.06 -15.13 1.18
CA CYS A 48 -0.73 -13.74 0.88
C CYS A 48 0.20 -13.16 1.93
N LYS A 49 0.04 -13.61 3.17
CA LYS A 49 0.86 -13.10 4.29
C LYS A 49 2.30 -13.62 4.22
N MET A 50 2.52 -14.74 3.55
CA MET A 50 3.88 -15.29 3.36
C MET A 50 4.57 -14.62 2.20
N ILE A 51 3.88 -14.47 1.08
CA ILE A 51 4.51 -13.95 -0.13
C ILE A 51 4.48 -12.42 -0.23
N GLY A 52 3.54 -11.77 0.44
CA GLY A 52 3.47 -10.32 0.38
C GLY A 52 4.78 -9.63 0.77
N PRO A 53 5.36 -10.02 1.90
CA PRO A 53 6.64 -9.41 2.31
C PRO A 53 7.75 -9.63 1.30
N VAL A 54 7.74 -10.78 0.63
CA VAL A 54 8.72 -11.06 -0.42
C VAL A 54 8.55 -10.05 -1.57
N PHE A 55 7.32 -9.87 -2.01
CA PHE A 55 7.00 -8.91 -3.07
C PHE A 55 7.51 -7.51 -2.69
N GLU A 56 7.26 -7.13 -1.44
CA GLU A 56 7.73 -5.84 -0.94
C GLU A 56 9.25 -5.74 -1.00
N LYS A 57 9.96 -6.79 -0.61
CA LYS A 57 11.44 -6.68 -0.69
C LYS A 57 11.90 -6.59 -2.14
N ILE A 58 11.25 -7.34 -3.04
CA ILE A 58 11.66 -7.27 -4.46
C ILE A 58 11.42 -5.84 -5.02
N SER A 59 10.40 -5.14 -4.51
CA SER A 59 10.17 -3.76 -5.01
C SER A 59 11.35 -2.84 -4.75
N ASP A 60 12.17 -3.16 -3.72
CA ASP A 60 13.35 -2.37 -3.33
C ASP A 60 14.58 -2.66 -4.16
N THR A 61 14.53 -3.66 -5.02
CA THR A 61 15.64 -4.02 -5.86
C THR A 61 15.66 -3.11 -7.10
N PRO A 62 16.77 -3.04 -7.82
CA PRO A 62 16.79 -2.25 -9.06
C PRO A 62 15.66 -2.60 -10.07
N ALA A 63 15.05 -3.80 -9.98
CA ALA A 63 13.93 -4.11 -10.87
C ALA A 63 12.78 -3.13 -10.65
N GLY A 64 12.69 -2.58 -9.44
CA GLY A 64 11.65 -1.64 -9.08
C GLY A 64 11.80 -0.30 -9.75
N ASP A 65 12.98 -0.03 -10.31
CA ASP A 65 13.22 1.17 -11.10
C ASP A 65 12.63 1.00 -12.49
N LYS A 66 12.57 -0.24 -12.98
CA LYS A 66 12.08 -0.55 -14.32
C LYS A 66 10.59 -1.00 -14.38
N VAL A 67 10.15 -1.68 -13.32
CA VAL A 67 8.82 -2.22 -13.23
C VAL A 67 8.11 -1.61 -12.04
N GLY A 68 6.87 -1.19 -12.24
CA GLY A 68 6.06 -0.63 -11.17
C GLY A 68 5.38 -1.73 -10.36
N PHE A 69 5.44 -1.61 -9.04
CA PHE A 69 4.88 -2.59 -8.08
C PHE A 69 3.63 -2.04 -7.42
N TYR A 70 2.53 -2.80 -7.50
CA TYR A 70 1.24 -2.38 -6.96
C TYR A 70 0.52 -3.50 -6.26
N LYS A 71 -0.50 -3.14 -5.50
CA LYS A 71 -1.36 -4.14 -4.86
C LYS A 71 -2.82 -3.76 -5.04
N VAL A 72 -3.65 -4.79 -5.24
CA VAL A 72 -5.08 -4.65 -5.38
C VAL A 72 -5.76 -5.62 -4.40
N ASP A 73 -6.57 -5.05 -3.50
CA ASP A 73 -7.39 -5.82 -2.56
C ASP A 73 -8.62 -6.27 -3.34
N VAL A 74 -8.66 -7.58 -3.65
CA VAL A 74 -9.73 -8.15 -4.47
C VAL A 74 -11.12 -7.91 -3.87
N ASP A 75 -11.21 -7.91 -2.55
CA ASP A 75 -12.52 -7.69 -1.96
C ASP A 75 -13.02 -6.27 -2.23
N GLU A 76 -12.11 -5.31 -2.14
CA GLU A 76 -12.43 -3.89 -2.29
C GLU A 76 -12.48 -3.40 -3.74
N GLN A 77 -11.95 -4.19 -4.66
CA GLN A 77 -11.83 -3.78 -6.07
C GLN A 77 -12.43 -4.83 -7.02
N SER A 78 -13.74 -5.04 -6.89
CA SER A 78 -14.44 -6.08 -7.68
C SER A 78 -14.35 -5.84 -9.18
N GLN A 79 -14.47 -4.59 -9.62
CA GLN A 79 -14.42 -4.31 -11.05
C GLN A 79 -13.07 -4.70 -11.63
N ILE A 80 -11.99 -4.32 -10.96
CA ILE A 80 -10.68 -4.70 -11.42
C ILE A 80 -10.54 -6.24 -11.42
N ALA A 81 -10.88 -6.87 -10.30
CA ALA A 81 -10.71 -8.33 -10.17
C ALA A 81 -11.49 -9.10 -11.24
N GLN A 82 -12.68 -8.65 -11.53
CA GLN A 82 -13.52 -9.33 -12.54
C GLN A 82 -12.98 -9.12 -13.95
N GLU A 83 -12.49 -7.91 -14.26
CA GLU A 83 -11.91 -7.66 -15.59
C GLU A 83 -10.66 -8.53 -15.77
N VAL A 84 -9.81 -8.60 -14.75
CA VAL A 84 -8.56 -9.36 -14.84
C VAL A 84 -8.81 -10.89 -14.83
N GLY A 85 -9.87 -11.31 -14.16
CA GLY A 85 -10.22 -12.73 -14.12
C GLY A 85 -9.47 -13.53 -13.08
N ILE A 86 -9.38 -13.00 -11.88
CA ILE A 86 -8.65 -13.64 -10.81
C ILE A 86 -9.30 -14.97 -10.41
N ARG A 87 -8.51 -16.04 -10.41
CA ARG A 87 -8.98 -17.41 -10.07
C ARG A 87 -8.37 -18.01 -8.83
N ALA A 88 -7.41 -17.31 -8.25
CA ALA A 88 -6.71 -17.78 -7.07
C ALA A 88 -6.09 -16.60 -6.40
N MET A 89 -5.79 -16.77 -5.13
CA MET A 89 -5.12 -15.72 -4.40
C MET A 89 -4.05 -16.29 -3.52
N PRO A 90 -2.88 -15.65 -3.48
CA PRO A 90 -2.57 -14.47 -4.28
C PRO A 90 -2.32 -14.81 -5.73
N THR A 91 -2.50 -13.84 -6.61
CA THR A 91 -2.07 -13.92 -7.99
C THR A 91 -1.30 -12.63 -8.31
N PHE A 92 -0.15 -12.78 -8.96
CA PHE A 92 0.66 -11.66 -9.42
C PHE A 92 0.46 -11.56 -10.93
N VAL A 93 -0.05 -10.43 -11.39
CA VAL A 93 -0.33 -10.24 -12.81
C VAL A 93 0.51 -9.07 -13.35
N PHE A 94 1.14 -9.33 -14.49
CA PHE A 94 2.00 -8.37 -15.17
C PHE A 94 1.26 -7.78 -16.34
N PHE A 95 1.42 -6.46 -16.54
CA PHE A 95 0.76 -5.74 -17.60
C PHE A 95 1.71 -4.85 -18.36
N LYS A 96 1.37 -4.60 -19.62
CA LYS A 96 2.08 -3.67 -20.47
C LYS A 96 1.11 -3.23 -21.54
N ASN A 97 1.03 -1.92 -21.78
CA ASN A 97 0.19 -1.36 -22.83
C ASN A 97 -1.26 -1.82 -22.74
N GLY A 98 -1.75 -1.89 -21.51
CA GLY A 98 -3.13 -2.24 -21.26
C GLY A 98 -3.47 -3.70 -21.38
N GLN A 99 -2.47 -4.54 -21.53
CA GLN A 99 -2.67 -5.97 -21.72
C GLN A 99 -2.00 -6.79 -20.62
N LYS A 100 -2.64 -7.89 -20.23
CA LYS A 100 -2.06 -8.86 -19.34
C LYS A 100 -1.00 -9.61 -20.13
N ILE A 101 0.25 -9.62 -19.64
CA ILE A 101 1.35 -10.33 -20.32
C ILE A 101 1.89 -11.55 -19.58
N ASP A 102 1.57 -11.70 -18.29
CA ASP A 102 2.04 -12.86 -17.54
C ASP A 102 1.29 -12.93 -16.23
N THR A 103 1.28 -14.12 -15.62
CA THR A 103 0.63 -14.41 -14.36
C THR A 103 1.47 -15.40 -13.56
N VAL A 104 1.57 -15.15 -12.24
CA VAL A 104 2.20 -16.08 -11.29
C VAL A 104 1.17 -16.34 -10.19
N VAL A 105 0.76 -17.58 -10.04
CA VAL A 105 -0.22 -17.93 -9.02
C VAL A 105 0.41 -18.44 -7.76
N GLY A 106 -0.02 -17.88 -6.64
CA GLY A 106 0.35 -18.40 -5.33
C GLY A 106 1.62 -17.90 -4.70
N ALA A 107 1.91 -18.47 -3.54
CA ALA A 107 3.06 -18.07 -2.74
C ALA A 107 4.26 -18.84 -3.21
N ASP A 108 4.78 -18.42 -4.35
CA ASP A 108 5.87 -19.09 -5.01
C ASP A 108 6.99 -18.08 -5.23
N PRO A 109 7.89 -17.93 -4.26
CA PRO A 109 8.89 -16.86 -4.35
C PRO A 109 9.84 -17.01 -5.54
N SER A 110 10.26 -18.24 -5.88
CA SER A 110 11.19 -18.37 -7.00
C SER A 110 10.50 -18.04 -8.34
N LYS A 111 9.25 -18.48 -8.51
CA LYS A 111 8.52 -18.15 -9.73
C LYS A 111 8.24 -16.65 -9.83
N LEU A 112 7.92 -16.05 -8.72
CA LEU A 112 7.67 -14.60 -8.69
C LEU A 112 8.95 -13.84 -9.08
N GLN A 113 10.07 -14.20 -8.46
CA GLN A 113 11.33 -13.53 -8.81
C GLN A 113 11.70 -13.75 -10.28
N ALA A 114 11.55 -14.99 -10.76
CA ALA A 114 11.91 -15.27 -12.16
C ALA A 114 11.12 -14.39 -13.12
N ALA A 115 9.83 -14.22 -12.83
CA ALA A 115 8.97 -13.43 -13.71
C ALA A 115 9.34 -11.95 -13.62
N ILE A 116 9.64 -11.47 -12.42
CA ILE A 116 10.07 -10.06 -12.28
C ILE A 116 11.37 -9.79 -13.08
N THR A 117 12.30 -10.72 -13.02
CA THR A 117 13.55 -10.57 -13.76
C THR A 117 13.28 -10.61 -15.26
N GLN A 118 12.42 -11.53 -15.68
CA GLN A 118 12.08 -11.63 -17.09
C GLN A 118 11.50 -10.32 -17.61
N HIS A 119 10.58 -9.73 -16.86
CA HIS A 119 9.88 -8.56 -17.38
C HIS A 119 10.54 -7.21 -17.08
N SER A 120 11.67 -7.21 -16.39
CA SER A 120 12.41 -5.97 -16.11
C SER A 120 13.67 -5.80 -17.00
N ALA A 121 13.85 -6.68 -17.99
CA ALA A 121 15.04 -6.60 -18.86
C ALA A 121 14.92 -5.42 -19.79
N HIS B 7 -20.90 11.82 -17.21
CA HIS B 7 -19.42 11.57 -17.01
C HIS B 7 -18.65 12.61 -17.87
N HIS B 8 -17.99 13.50 -17.18
CA HIS B 8 -17.32 14.68 -17.73
C HIS B 8 -15.82 14.44 -17.89
N HIS B 9 -15.28 13.56 -17.05
CA HIS B 9 -13.88 13.24 -17.06
C HIS B 9 -13.58 12.05 -16.16
N HIS B 10 -12.40 11.44 -16.38
CA HIS B 10 -11.82 10.45 -15.47
C HIS B 10 -10.76 11.14 -14.67
N LEU B 11 -10.51 10.68 -13.46
CA LEU B 11 -9.45 11.21 -12.67
C LEU B 11 -8.16 10.48 -13.00
N VAL B 12 -7.05 11.13 -12.73
CA VAL B 12 -5.73 10.56 -12.90
C VAL B 12 -4.99 10.89 -11.60
N PRO B 13 -5.04 9.99 -10.62
CA PRO B 13 -4.44 10.23 -9.29
C PRO B 13 -2.94 10.45 -9.30
N VAL B 17 -1.28 5.73 -1.99
CA VAL B 17 -0.87 5.17 -0.70
C VAL B 17 0.24 4.13 -0.90
N GLN B 18 1.32 4.27 -0.13
CA GLN B 18 2.47 3.39 -0.25
C GLN B 18 2.67 2.53 1.00
N VAL B 19 3.04 1.29 0.77
CA VAL B 19 3.38 0.39 1.82
C VAL B 19 4.76 0.69 2.36
N ILE B 20 4.87 0.73 3.70
CA ILE B 20 6.15 0.82 4.39
C ILE B 20 6.52 -0.61 4.77
N SER B 21 7.64 -1.09 4.23
CA SER B 21 8.00 -2.49 4.36
C SER B 21 9.19 -2.79 5.27
N SER B 22 9.77 -1.76 5.87
CA SER B 22 10.88 -1.94 6.78
C SER B 22 10.98 -0.79 7.73
N TYR B 23 11.62 -1.04 8.86
CA TYR B 23 11.88 0.00 9.84
C TYR B 23 12.74 1.12 9.23
N ASP B 24 13.76 0.78 8.41
CA ASP B 24 14.59 1.81 7.73
C ASP B 24 13.75 2.73 6.85
N GLN B 25 12.81 2.15 6.08
CA GLN B 25 11.95 2.96 5.24
C GLN B 25 11.07 3.86 6.11
N PHE B 26 10.52 3.32 7.20
CA PHE B 26 9.72 4.10 8.17
C PHE B 26 10.49 5.33 8.66
N LYS B 27 11.73 5.13 9.10
CA LYS B 27 12.53 6.25 9.62
C LYS B 27 12.83 7.26 8.52
N GLN B 28 13.07 6.78 7.30
CA GLN B 28 13.33 7.64 6.14
C GLN B 28 12.12 8.52 5.76
N VAL B 29 10.96 7.92 5.62
CA VAL B 29 9.81 8.72 5.15
C VAL B 29 9.28 9.69 6.23
N THR B 30 9.54 9.38 7.51
CA THR B 30 9.08 10.25 8.61
C THR B 30 10.12 11.26 9.05
N GLY B 31 11.31 11.19 8.44
CA GLY B 31 12.44 12.01 8.89
C GLY B 31 12.64 13.37 8.23
N GLY B 32 11.72 13.78 7.38
CA GLY B 32 11.87 15.04 6.65
C GLY B 32 10.84 16.09 6.94
N ASP B 33 10.99 17.20 6.24
CA ASP B 33 10.11 18.32 6.37
C ASP B 33 8.69 18.01 5.90
N LYS B 34 8.54 17.12 4.94
CA LYS B 34 7.22 16.74 4.46
C LYS B 34 6.45 15.94 5.53
N VAL B 35 5.24 16.36 5.81
CA VAL B 35 4.40 15.65 6.75
C VAL B 35 3.93 14.36 6.10
N VAL B 36 3.93 13.29 6.87
CA VAL B 36 3.41 12.02 6.41
C VAL B 36 2.40 11.45 7.41
N VAL B 37 1.44 10.70 6.90
CA VAL B 37 0.43 10.03 7.71
C VAL B 37 0.47 8.53 7.41
N ILE B 38 0.51 7.75 8.48
CA ILE B 38 0.58 6.32 8.37
C ILE B 38 -0.65 5.66 9.00
N ASP B 39 -1.29 4.79 8.20
CA ASP B 39 -2.39 3.95 8.65
C ASP B 39 -1.79 2.62 9.17
N PHE B 40 -1.86 2.42 10.48
CA PHE B 40 -1.45 1.18 11.14
C PHE B 40 -2.67 0.27 11.17
N TRP B 41 -2.57 -0.84 10.45
CA TRP B 41 -3.68 -1.70 10.17
C TRP B 41 -3.27 -3.17 10.33
N ALA B 42 -4.25 -4.08 10.22
CA ALA B 42 -4.00 -5.53 10.25
C ALA B 42 -5.10 -6.23 9.45
N THR B 43 -4.77 -7.41 8.93
CA THR B 43 -5.74 -8.16 8.12
C THR B 43 -6.95 -8.61 8.88
N TRP B 44 -6.78 -8.81 10.17
CA TRP B 44 -7.89 -9.27 11.04
C TRP B 44 -8.76 -8.15 11.62
N CYS B 45 -8.43 -6.90 11.23
N CYS B 45 -8.31 -6.93 11.44
CA CYS B 45 -9.16 -5.69 11.68
CA CYS B 45 -8.94 -5.79 12.06
C CYS B 45 -10.51 -5.48 11.00
C CYS B 45 -10.15 -5.30 11.26
N GLY B 46 -11.57 -5.38 11.81
N GLY B 46 -11.35 -5.55 11.81
CA GLY B 46 -12.90 -5.15 11.30
CA GLY B 46 -12.58 -5.13 11.19
C GLY B 46 -13.16 -3.72 10.86
C GLY B 46 -12.63 -3.63 10.94
N PRO B 47 -12.97 -2.74 11.75
N PRO B 47 -12.45 -2.86 12.01
CA PRO B 47 -13.22 -1.34 11.39
CA PRO B 47 -12.43 -1.42 11.91
C PRO B 47 -12.37 -0.82 10.19
C PRO B 47 -11.39 -0.88 10.89
N CYS B 48 -11.21 -1.43 9.94
N CYS B 48 -10.24 -1.54 10.73
CA CYS B 48 -10.38 -1.07 8.80
CA CYS B 48 -9.26 -1.07 9.72
C CYS B 48 -11.15 -1.19 7.47
C CYS B 48 -9.85 -1.29 8.36
N LYS B 49 -12.11 -2.12 7.42
N LYS B 49 -10.49 -2.43 8.18
CA LYS B 49 -12.94 -2.33 6.23
CA LYS B 49 -11.12 -2.75 6.93
C LYS B 49 -13.72 -1.07 5.88
C LYS B 49 -12.20 -1.70 6.59
N MET B 50 -14.00 -0.23 6.87
N MET B 50 -12.91 -1.20 7.61
CA MET B 50 -14.71 1.03 6.61
CA MET B 50 -13.96 -0.19 7.38
C MET B 50 -13.75 2.22 6.40
C MET B 50 -13.40 1.18 6.96
N ILE B 51 -12.78 2.36 7.28
N ILE B 51 -12.31 1.61 7.58
CA ILE B 51 -11.92 3.54 7.26
CA ILE B 51 -11.79 2.97 7.35
C ILE B 51 -10.71 3.41 6.30
C ILE B 51 -10.75 3.01 6.23
N GLY B 52 -10.31 2.18 5.96
N GLY B 52 -10.13 1.90 5.94
CA GLY B 52 -9.20 1.98 5.01
CA GLY B 52 -9.12 1.85 4.90
C GLY B 52 -9.52 2.60 3.65
C GLY B 52 -9.50 2.58 3.63
N PRO B 53 -10.66 2.26 3.06
CA PRO B 53 -11.08 2.92 1.81
C PRO B 53 -11.18 4.44 1.93
N VAL B 54 -11.62 4.94 3.08
CA VAL B 54 -11.64 6.37 3.29
C VAL B 54 -10.26 6.98 3.17
N PHE B 55 -9.30 6.38 3.84
CA PHE B 55 -7.92 6.84 3.81
C PHE B 55 -7.41 6.89 2.36
N GLU B 56 -7.69 5.82 1.62
CA GLU B 56 -7.31 5.78 0.20
C GLU B 56 -7.95 6.91 -0.59
N LYS B 57 -9.23 7.14 -0.37
CA LYS B 57 -9.89 8.21 -1.14
C LYS B 57 -9.32 9.58 -0.77
N ILE B 58 -9.02 9.80 0.50
CA ILE B 58 -8.44 11.09 0.89
C ILE B 58 -7.05 11.27 0.22
N SER B 59 -6.31 10.17 0.06
CA SER B 59 -5.00 10.28 -0.59
C SER B 59 -5.10 10.78 -2.04
N ASP B 60 -6.26 10.61 -2.68
CA ASP B 60 -6.49 11.05 -4.06
C ASP B 60 -6.79 12.54 -4.17
N THR B 61 -7.01 13.20 -3.03
CA THR B 61 -7.31 14.63 -3.02
C THR B 61 -6.01 15.43 -3.03
N PRO B 62 -6.07 16.74 -3.24
CA PRO B 62 -4.83 17.53 -3.21
C PRO B 62 -4.01 17.40 -1.91
N ALA B 63 -4.64 17.00 -0.78
CA ALA B 63 -3.90 16.75 0.45
C ALA B 63 -2.85 15.69 0.21
N GLY B 64 -3.15 14.74 -0.71
CA GLY B 64 -2.27 13.61 -1.03
C GLY B 64 -1.02 13.97 -1.75
N ASP B 65 -0.97 15.18 -2.31
CA ASP B 65 0.22 15.71 -2.95
C ASP B 65 1.07 16.40 -1.89
N LYS B 66 0.40 17.01 -0.91
CA LYS B 66 1.08 17.78 0.15
C LYS B 66 1.63 16.87 1.32
N VAL B 67 0.84 15.88 1.69
CA VAL B 67 1.15 14.95 2.78
C VAL B 67 1.37 13.59 2.18
N GLY B 68 2.39 12.87 2.64
CA GLY B 68 2.62 11.52 2.12
C GLY B 68 1.77 10.52 2.89
N PHE B 69 1.06 9.64 2.15
CA PHE B 69 0.17 8.63 2.73
C PHE B 69 0.80 7.24 2.67
N TYR B 70 0.84 6.56 3.82
CA TYR B 70 1.45 5.26 3.92
C TYR B 70 0.64 4.30 4.77
N LYS B 71 0.96 3.02 4.63
CA LYS B 71 0.36 1.98 5.47
C LYS B 71 1.41 1.04 6.05
N VAL B 72 1.17 0.64 7.29
CA VAL B 72 2.02 -0.30 8.01
C VAL B 72 1.17 -1.42 8.58
N ASP B 73 1.47 -2.65 8.18
CA ASP B 73 0.78 -3.84 8.67
C ASP B 73 1.48 -4.21 9.97
N VAL B 74 0.77 -4.04 11.08
CA VAL B 74 1.39 -4.22 12.39
C VAL B 74 1.90 -5.62 12.66
N ASP B 75 1.28 -6.63 12.07
CA ASP B 75 1.79 -8.00 12.27
C ASP B 75 3.14 -8.20 11.60
N GLU B 76 3.33 -7.57 10.46
CA GLU B 76 4.57 -7.71 9.68
C GLU B 76 5.68 -6.74 10.09
N GLN B 77 5.31 -5.65 10.76
CA GLN B 77 6.26 -4.60 11.11
C GLN B 77 6.26 -4.37 12.62
N SER B 78 6.74 -5.37 13.36
CA SER B 78 6.71 -5.31 14.82
C SER B 78 7.57 -4.20 15.38
N GLN B 79 8.76 -3.99 14.79
CA GLN B 79 9.66 -2.94 15.28
C GLN B 79 9.03 -1.55 15.18
N ILE B 80 8.42 -1.24 14.02
CA ILE B 80 7.74 0.05 13.86
C ILE B 80 6.60 0.20 14.88
N ALA B 81 5.73 -0.80 14.96
CA ALA B 81 4.55 -0.71 15.84
C ALA B 81 4.91 -0.50 17.32
N GLN B 82 5.98 -1.14 17.76
CA GLN B 82 6.45 -1.03 19.15
C GLN B 82 7.03 0.36 19.38
N GLU B 83 7.85 0.85 18.44
CA GLU B 83 8.44 2.19 18.58
C GLU B 83 7.37 3.28 18.62
N VAL B 84 6.38 3.19 17.76
CA VAL B 84 5.32 4.18 17.71
C VAL B 84 4.35 4.03 18.90
N GLY B 85 4.21 2.81 19.41
CA GLY B 85 3.36 2.55 20.57
C GLY B 85 1.89 2.39 20.23
N ILE B 86 1.61 1.64 19.17
CA ILE B 86 0.25 1.42 18.74
C ILE B 86 -0.58 0.72 19.83
N ARG B 87 -1.68 1.32 20.23
CA ARG B 87 -2.55 0.74 21.28
C ARG B 87 -3.93 0.36 20.78
N ALA B 88 -4.25 0.73 19.52
N ALA B 88 -4.17 0.60 19.51
CA ALA B 88 -5.59 0.52 18.94
CA ALA B 88 -5.40 0.23 18.90
C ALA B 88 -5.50 0.17 17.45
C ALA B 88 -5.22 0.37 17.43
N MET B 89 -6.47 -0.60 16.97
N MET B 89 -6.08 -0.29 16.69
CA MET B 89 -6.49 -1.07 15.60
CA MET B 89 -6.08 -0.20 15.26
C MET B 89 -7.78 -0.65 14.88
C MET B 89 -7.51 -0.15 14.81
N PRO B 90 -7.71 0.28 13.92
N PRO B 90 -7.74 0.60 13.76
CA PRO B 90 -6.51 0.97 13.43
CA PRO B 90 -6.69 1.30 13.11
C PRO B 90 -6.16 2.28 14.16
C PRO B 90 -6.26 2.51 13.91
N THR B 91 -4.97 2.84 13.82
CA THR B 91 -4.49 4.12 14.33
C THR B 91 -3.80 4.84 13.15
N PHE B 92 -4.08 6.15 13.01
CA PHE B 92 -3.44 6.99 12.01
C PHE B 92 -2.52 7.91 12.75
N VAL B 93 -1.24 7.88 12.40
CA VAL B 93 -0.22 8.71 13.07
C VAL B 93 0.47 9.62 12.03
N PHE B 94 0.61 10.89 12.42
CA PHE B 94 1.23 11.91 11.60
C PHE B 94 2.61 12.18 12.12
N PHE B 95 3.58 12.34 11.20
CA PHE B 95 4.99 12.59 11.53
C PHE B 95 5.57 13.73 10.69
N LYS B 96 6.57 14.39 11.25
CA LYS B 96 7.32 15.45 10.54
C LYS B 96 8.67 15.56 11.22
N ASN B 97 9.74 15.63 10.43
CA ASN B 97 11.10 15.84 10.98
C ASN B 97 11.45 14.85 12.07
N GLY B 98 11.06 13.59 11.83
CA GLY B 98 11.38 12.49 12.73
C GLY B 98 10.59 12.39 14.02
N GLN B 99 9.52 13.14 14.13
CA GLN B 99 8.71 13.14 15.34
C GLN B 99 7.23 12.94 15.05
N LYS B 100 6.56 12.30 15.99
CA LYS B 100 5.12 12.13 15.97
C LYS B 100 4.47 13.45 16.32
N ILE B 101 3.59 13.92 15.45
CA ILE B 101 2.92 15.22 15.71
C ILE B 101 1.40 15.13 15.98
N ASP B 102 0.76 13.99 15.65
CA ASP B 102 -0.65 13.83 15.89
C ASP B 102 -1.05 12.38 15.71
N THR B 103 -2.19 12.01 16.31
CA THR B 103 -2.73 10.67 16.27
C THR B 103 -4.26 10.69 16.22
N VAL B 104 -4.83 9.81 15.38
CA VAL B 104 -6.27 9.64 15.30
C VAL B 104 -6.54 8.14 15.44
N VAL B 105 -7.26 7.79 16.48
CA VAL B 105 -7.56 6.39 16.75
C VAL B 105 -8.88 5.96 16.17
N GLY B 106 -8.87 4.82 15.52
CA GLY B 106 -10.08 4.18 15.10
C GLY B 106 -10.70 4.63 13.81
N ALA B 107 -11.83 4.02 13.52
CA ALA B 107 -12.56 4.25 12.30
C ALA B 107 -13.46 5.45 12.46
N ASP B 108 -12.83 6.62 12.47
CA ASP B 108 -13.49 7.89 12.69
C ASP B 108 -13.20 8.80 11.50
N PRO B 109 -14.03 8.72 10.47
CA PRO B 109 -13.77 9.49 9.27
C PRO B 109 -13.74 11.00 9.46
N SER B 110 -14.61 11.54 10.31
CA SER B 110 -14.63 12.98 10.54
C SER B 110 -13.32 13.44 11.21
N LYS B 111 -12.88 12.72 12.22
CA LYS B 111 -11.63 13.10 12.88
C LYS B 111 -10.41 12.91 11.99
N LEU B 112 -10.41 11.83 11.21
CA LEU B 112 -9.32 11.60 10.27
C LEU B 112 -9.24 12.74 9.26
N GLN B 113 -10.37 13.12 8.70
CA GLN B 113 -10.38 14.20 7.70
C GLN B 113 -9.94 15.51 8.33
N ALA B 114 -10.45 15.81 9.53
CA ALA B 114 -10.07 17.05 10.19
C ALA B 114 -8.56 17.13 10.39
N ALA B 115 -7.96 16.03 10.82
CA ALA B 115 -6.50 16.00 11.03
C ALA B 115 -5.73 16.17 9.71
N ILE B 116 -6.19 15.49 8.66
CA ILE B 116 -5.52 15.62 7.36
C ILE B 116 -5.60 17.07 6.84
N THR B 117 -6.76 17.73 7.01
CA THR B 117 -6.91 19.12 6.60
C THR B 117 -5.95 20.02 7.40
N GLN B 118 -5.84 19.78 8.71
CA GLN B 118 -4.91 20.54 9.57
C GLN B 118 -3.49 20.43 9.04
N HIS B 119 -3.06 19.21 8.82
CA HIS B 119 -1.63 18.96 8.50
C HIS B 119 -1.24 19.13 7.06
N SER B 120 -2.20 19.40 6.19
CA SER B 120 -1.91 19.62 4.76
C SER B 120 -2.13 21.06 4.36
N ALA B 121 -2.35 21.95 5.33
CA ALA B 121 -2.52 23.35 5.05
C ALA B 121 -1.20 23.86 4.54
#